data_2WEX
#
_entry.id   2WEX
#
_cell.length_a   49.820
_cell.length_b   49.820
_cell.length_c   145.480
_cell.angle_alpha   90.00
_cell.angle_beta   90.00
_cell.angle_gamma   90.00
#
_symmetry.space_group_name_H-M   'P 43 21 2'
#
loop_
_entity.id
_entity.type
_entity.pdbx_description
1 polymer 'APOLIPOPROTEIN M'
2 non-polymer '(2R)-2,3-dihydroxypropyl tetradecanoate'
3 non-polymer 1,2-ETHANEDIOL
4 water water
#
_entity_poly.entity_id   1
_entity_poly.type   'polypeptide(L)'
_entity_poly.pdbx_seq_one_letter_code
;GSHMNQCPEHSQLTTLGVDGKEFPEVHLGQWYFIAGAAPTKEELATFDPVDNIVFNMAAGSAPMQLHLRATIRMKDGLCV
PRKWIYHLTEGSTDLRTEGRPDMKTELFSSSCPGGIMLNETGQGYQRFLLYNRSPHPPEKCVEEFKSLTSCLDSKAFLLT
PRNQEACELSNN
;
_entity_poly.pdbx_strand_id   A
#
loop_
_chem_comp.id
_chem_comp.type
_chem_comp.name
_chem_comp.formula
EDO non-polymer 1,2-ETHANEDIOL 'C2 H6 O2'
GYM non-polymer '(2R)-2,3-dihydroxypropyl tetradecanoate' 'C17 H34 O4'
#
# COMPACT_ATOMS: atom_id res chain seq x y z
N SER A 2 17.52 -23.37 18.73
CA SER A 2 17.27 -21.92 18.48
C SER A 2 16.41 -21.77 17.23
N HIS A 3 15.28 -21.11 17.42
CA HIS A 3 14.03 -21.26 16.67
C HIS A 3 13.08 -20.20 17.29
N MET A 4 11.89 -20.06 16.71
CA MET A 4 10.80 -19.26 17.28
C MET A 4 11.08 -17.76 17.42
N ASN A 5 11.71 -17.20 16.40
CA ASN A 5 12.11 -15.81 16.42
C ASN A 5 11.94 -15.09 15.07
N GLN A 6 11.30 -15.75 14.13
CA GLN A 6 11.02 -15.18 12.82
C GLN A 6 9.55 -14.81 12.68
N CYS A 7 9.27 -14.00 11.66
CA CYS A 7 7.94 -13.53 11.35
C CYS A 7 7.42 -14.37 10.18
N PRO A 8 6.11 -14.30 9.92
CA PRO A 8 5.60 -15.00 8.74
C PRO A 8 6.38 -14.64 7.46
N GLU A 9 6.46 -15.58 6.54
CA GLU A 9 7.20 -15.43 5.28
C GLU A 9 6.66 -14.25 4.49
N HIS A 10 7.57 -13.42 3.98
CA HIS A 10 7.22 -12.15 3.29
C HIS A 10 8.35 -11.77 2.34
N SER A 11 8.05 -11.80 1.04
CA SER A 11 9.07 -11.66 0.01
C SER A 11 8.91 -10.30 -0.65
N GLN A 12 10.04 -9.62 -0.78
CA GLN A 12 10.12 -8.39 -1.52
C GLN A 12 9.98 -8.71 -3.02
N LEU A 13 9.33 -7.80 -3.76
CA LEU A 13 9.12 -8.00 -5.18
C LEU A 13 10.44 -7.71 -5.82
N THR A 14 10.86 -8.54 -6.77
CA THR A 14 12.18 -8.37 -7.40
C THR A 14 12.06 -8.25 -8.92
N THR A 15 13.18 -7.84 -9.56
CA THR A 15 13.33 -7.76 -11.02
C THR A 15 14.21 -8.89 -11.55
N GLY A 20 10.19 -10.83 -14.22
CA GLY A 20 11.23 -9.81 -14.11
C GLY A 20 10.88 -8.51 -14.82
N LYS A 21 11.02 -8.50 -16.14
CA LYS A 21 10.62 -7.33 -16.95
C LYS A 21 9.09 -7.26 -17.09
N GLU A 22 8.42 -8.12 -16.32
CA GLU A 22 6.98 -8.04 -16.08
C GLU A 22 6.66 -6.85 -15.17
N PHE A 23 7.65 -6.40 -14.42
CA PHE A 23 7.53 -5.23 -13.58
C PHE A 23 7.95 -3.99 -14.40
N PRO A 24 7.14 -2.92 -14.37
CA PRO A 24 5.90 -2.84 -13.61
C PRO A 24 4.58 -3.08 -14.35
N GLU A 25 4.57 -3.42 -15.64
CA GLU A 25 3.26 -3.43 -16.37
C GLU A 25 2.23 -4.28 -15.67
N VAL A 26 2.73 -5.32 -14.99
CA VAL A 26 1.79 -6.27 -14.31
C VAL A 26 1.07 -5.50 -13.16
N HIS A 27 1.69 -4.42 -12.68
CA HIS A 27 0.98 -3.77 -11.55
C HIS A 27 0.06 -2.58 -11.83
N LEU A 28 -0.05 -2.23 -13.11
CA LEU A 28 -0.75 -1.02 -13.55
C LEU A 28 -2.18 -1.34 -13.40
N GLY A 29 -2.98 -0.28 -13.44
CA GLY A 29 -4.37 -0.25 -13.19
C GLY A 29 -4.80 0.08 -11.78
N GLN A 30 -6.03 -0.37 -11.42
CA GLN A 30 -6.64 0.16 -10.27
C GLN A 30 -6.21 -0.65 -9.03
N TRP A 31 -6.38 -0.07 -7.83
CA TRP A 31 -5.99 -0.68 -6.51
C TRP A 31 -6.82 0.05 -5.40
N TYR A 32 -7.09 -0.61 -4.28
CA TYR A 32 -7.82 -0.01 -3.19
C TYR A 32 -6.99 -0.14 -1.99
N PHE A 33 -7.00 0.91 -1.17
CA PHE A 33 -6.21 0.95 0.07
C PHE A 33 -7.03 0.16 1.07
N ILE A 34 -6.42 -0.83 1.74
CA ILE A 34 -7.22 -1.70 2.59
C ILE A 34 -6.90 -1.42 4.10
N ALA A 35 -5.62 -1.30 4.46
CA ALA A 35 -5.19 -1.25 5.86
C ALA A 35 -3.78 -0.73 5.98
N GLY A 36 -3.45 -0.17 7.14
CA GLY A 36 -2.09 0.32 7.38
C GLY A 36 -1.66 -0.14 8.76
N ALA A 37 -0.35 -0.28 8.97
CA ALA A 37 0.29 -0.65 10.26
C ALA A 37 1.58 0.19 10.42
N ALA A 38 1.90 0.62 11.65
CA ALA A 38 3.08 1.48 11.89
C ALA A 38 3.53 1.31 13.36
N PRO A 39 4.79 1.70 13.72
CA PRO A 39 5.17 1.58 15.14
C PRO A 39 4.21 2.27 16.12
N THR A 40 3.69 3.43 15.73
CA THR A 40 2.74 4.20 16.55
C THR A 40 1.57 4.72 15.70
N LYS A 41 0.45 5.01 16.38
CA LYS A 41 -0.76 5.59 15.77
C LYS A 41 -0.50 6.84 14.95
N GLU A 42 0.47 7.62 15.37
CA GLU A 42 0.74 8.92 14.75
C GLU A 42 1.25 8.83 13.31
N GLU A 43 1.74 7.66 12.92
CA GLU A 43 2.12 7.46 11.50
C GLU A 43 0.90 7.01 10.69
N LEU A 44 -0.18 6.64 11.38
CA LEU A 44 -1.45 6.29 10.69
C LEU A 44 -2.54 7.36 10.79
N ALA A 45 -2.28 8.41 11.58
CA ALA A 45 -3.19 9.54 11.84
C ALA A 45 -3.80 10.17 10.61
N THR A 46 -2.99 10.30 9.56
CA THR A 46 -3.42 10.86 8.31
C THR A 46 -4.61 10.09 7.68
N PHE A 47 -4.78 8.82 8.03
CA PHE A 47 -5.86 7.96 7.48
C PHE A 47 -7.11 7.88 8.34
N ASP A 48 -7.11 8.53 9.51
CA ASP A 48 -8.28 8.50 10.43
C ASP A 48 -9.60 9.00 9.83
N PRO A 49 -9.58 10.12 9.05
CA PRO A 49 -10.84 10.57 8.47
C PRO A 49 -11.21 9.95 7.13
N VAL A 50 -10.56 8.84 6.75
CA VAL A 50 -10.70 8.21 5.44
C VAL A 50 -11.69 7.04 5.48
N ASP A 51 -12.64 7.03 4.57
CA ASP A 51 -13.48 5.85 4.36
C ASP A 51 -12.81 4.89 3.40
N ASN A 52 -12.33 5.41 2.27
CA ASN A 52 -11.69 4.54 1.29
C ASN A 52 -10.81 5.38 0.38
N ILE A 53 -9.82 4.74 -0.24
CA ILE A 53 -9.03 5.34 -1.29
C ILE A 53 -8.92 4.42 -2.48
N VAL A 54 -9.25 4.92 -3.66
CA VAL A 54 -9.01 4.17 -4.88
C VAL A 54 -7.86 4.82 -5.64
N PHE A 55 -7.04 4.00 -6.31
CA PHE A 55 -5.78 4.45 -7.01
C PHE A 55 -5.80 3.87 -8.43
N ASN A 56 -5.15 4.61 -9.31
CA ASN A 56 -4.84 4.10 -10.60
C ASN A 56 -3.37 4.40 -10.87
N MET A 57 -2.58 3.35 -11.19
CA MET A 57 -1.16 3.46 -11.61
C MET A 57 -1.01 3.46 -13.13
N ALA A 58 -0.25 4.40 -13.73
CA ALA A 58 -0.04 4.42 -15.21
C ALA A 58 1.38 4.62 -15.55
N ALA A 59 1.75 4.19 -16.76
CA ALA A 59 3.04 4.54 -17.32
C ALA A 59 3.20 6.05 -17.42
N GLY A 60 4.37 6.50 -17.00
CA GLY A 60 4.68 7.89 -17.03
C GLY A 60 4.86 8.36 -18.43
N SER A 61 5.47 9.53 -18.53
CA SER A 61 5.57 10.26 -19.75
C SER A 61 7.00 10.09 -20.26
N ALA A 62 7.97 10.18 -19.34
CA ALA A 62 9.42 9.95 -19.61
C ALA A 62 9.73 8.44 -19.39
N PRO A 63 11.03 8.03 -19.38
CA PRO A 63 11.33 6.58 -19.37
C PRO A 63 10.99 5.76 -18.10
N MET A 64 11.69 6.01 -16.99
CA MET A 64 11.50 5.16 -15.80
C MET A 64 10.47 5.75 -14.84
N GLN A 65 9.25 5.94 -15.32
CA GLN A 65 8.34 6.86 -14.66
C GLN A 65 6.94 6.30 -14.58
N LEU A 66 6.26 6.57 -13.48
CA LEU A 66 4.88 6.10 -13.26
C LEU A 66 3.96 7.19 -12.75
N HIS A 67 2.79 7.34 -13.37
CA HIS A 67 1.75 8.20 -12.85
C HIS A 67 0.80 7.52 -11.94
N LEU A 68 0.81 7.96 -10.68
CA LEU A 68 -0.24 7.58 -9.73
C LEU A 68 -1.37 8.62 -9.54
N ARG A 69 -2.64 8.22 -9.70
CA ARG A 69 -3.77 9.06 -9.31
C ARG A 69 -4.52 8.35 -8.17
N ALA A 70 -5.15 9.11 -7.28
CA ALA A 70 -6.02 8.55 -6.24
C ALA A 70 -7.19 9.50 -6.00
N THR A 71 -8.32 8.98 -5.54
CA THR A 71 -9.33 9.83 -4.92
C THR A 71 -9.72 9.25 -3.52
N ILE A 72 -9.57 10.10 -2.52
CA ILE A 72 -9.83 9.71 -1.16
C ILE A 72 -11.27 10.02 -0.91
N ARG A 73 -12.05 9.03 -0.49
CA ARG A 73 -13.38 9.30 0.06
C ARG A 73 -13.23 9.48 1.57
N MET A 74 -13.45 10.71 2.05
CA MET A 74 -13.39 11.04 3.47
C MET A 74 -14.66 10.51 4.13
N LYS A 75 -14.62 10.30 5.45
CA LYS A 75 -15.79 9.78 6.18
C LYS A 75 -17.04 10.71 6.09
N ASP A 76 -16.78 11.99 5.90
CA ASP A 76 -17.83 12.99 5.76
C ASP A 76 -18.41 13.05 4.34
N GLY A 77 -17.81 12.29 3.44
CA GLY A 77 -18.36 12.07 2.12
C GLY A 77 -17.62 12.81 1.06
N LEU A 78 -16.75 13.72 1.45
CA LEU A 78 -16.04 14.48 0.46
C LEU A 78 -14.98 13.63 -0.26
N CYS A 79 -14.62 14.08 -1.47
CA CYS A 79 -13.68 13.37 -2.36
C CYS A 79 -12.50 14.34 -2.54
N VAL A 80 -11.27 13.86 -2.31
CA VAL A 80 -10.05 14.66 -2.45
C VAL A 80 -9.18 13.90 -3.47
N PRO A 81 -8.92 14.53 -4.62
CA PRO A 81 -8.01 13.99 -5.61
C PRO A 81 -6.54 14.23 -5.28
N ARG A 82 -5.69 13.26 -5.65
CA ARG A 82 -4.21 13.34 -5.45
C ARG A 82 -3.52 12.75 -6.68
N LYS A 83 -2.31 13.22 -6.93
CA LYS A 83 -1.53 12.83 -8.10
C LYS A 83 -0.10 12.76 -7.61
N TRP A 84 0.65 11.71 -7.95
CA TRP A 84 2.10 11.67 -7.64
C TRP A 84 2.82 11.09 -8.86
N ILE A 85 4.10 11.36 -8.99
CA ILE A 85 4.96 10.75 -10.02
C ILE A 85 6.07 9.92 -9.36
N TYR A 86 6.22 8.66 -9.77
CA TYR A 86 7.28 7.82 -9.23
C TYR A 86 8.36 7.55 -10.23
N HIS A 87 9.57 7.32 -9.71
CA HIS A 87 10.76 6.94 -10.48
C HIS A 87 11.32 5.59 -10.05
N LEU A 88 11.14 4.60 -10.93
CA LEU A 88 11.74 3.29 -10.80
C LEU A 88 13.24 3.36 -11.05
N THR A 89 13.97 2.42 -10.49
CA THR A 89 15.37 2.21 -10.84
C THR A 89 15.45 0.80 -11.40
N GLU A 90 16.16 0.62 -12.51
CA GLU A 90 16.20 -0.72 -13.11
C GLU A 90 16.96 -1.66 -12.19
N GLY A 91 16.52 -2.93 -12.16
CA GLY A 91 17.00 -3.89 -11.18
C GLY A 91 16.24 -3.86 -9.85
N SER A 92 15.59 -2.73 -9.55
CA SER A 92 14.94 -2.51 -8.28
C SER A 92 13.43 -2.36 -8.46
N THR A 93 12.67 -2.78 -7.46
CA THR A 93 11.22 -2.51 -7.43
C THR A 93 10.84 -1.30 -6.57
N ASP A 94 11.80 -0.71 -5.85
CA ASP A 94 11.59 0.48 -5.01
C ASP A 94 11.04 1.65 -5.82
N LEU A 95 10.07 2.35 -5.22
CA LEU A 95 9.48 3.57 -5.76
C LEU A 95 10.07 4.79 -5.06
N ARG A 96 10.60 5.72 -5.86
CA ARG A 96 11.08 7.02 -5.37
C ARG A 96 10.01 8.05 -5.68
N THR A 97 9.65 8.88 -4.69
CA THR A 97 8.67 9.95 -4.89
C THR A 97 9.26 11.16 -5.64
N MET A 103 12.89 9.59 1.19
CA MET A 103 11.86 8.55 1.29
C MET A 103 12.05 7.40 0.27
N LYS A 104 11.61 6.19 0.63
CA LYS A 104 11.54 5.09 -0.33
C LYS A 104 10.41 4.12 0.03
N THR A 105 9.74 3.61 -1.00
CA THR A 105 8.73 2.61 -0.87
C THR A 105 9.31 1.28 -1.37
N GLU A 106 9.27 0.27 -0.51
CA GLU A 106 9.65 -1.08 -0.89
C GLU A 106 8.36 -1.79 -1.18
N LEU A 107 8.34 -2.62 -2.23
CA LEU A 107 7.16 -3.40 -2.53
C LEU A 107 7.37 -4.81 -2.03
N PHE A 108 6.32 -5.46 -1.49
CA PHE A 108 6.41 -6.84 -1.00
C PHE A 108 5.20 -7.57 -1.55
N SER A 109 5.39 -8.86 -1.78
CA SER A 109 4.30 -9.73 -2.13
C SER A 109 3.40 -9.86 -0.89
N SER A 110 2.19 -10.31 -1.13
CA SER A 110 1.17 -10.39 -0.13
C SER A 110 0.62 -11.82 -0.20
N SER A 111 0.20 -12.32 0.95
CA SER A 111 -0.52 -13.58 1.08
C SER A 111 -1.84 -13.56 0.34
N CYS A 112 -2.40 -12.38 0.15
CA CYS A 112 -3.72 -12.27 -0.52
C CYS A 112 -3.57 -12.29 -2.04
N PRO A 113 -4.39 -13.09 -2.72
CA PRO A 113 -4.36 -12.92 -4.16
C PRO A 113 -4.79 -11.44 -4.50
N GLY A 114 -4.20 -10.86 -5.53
CA GLY A 114 -4.57 -9.51 -5.96
C GLY A 114 -4.10 -8.49 -4.93
N GLY A 115 -3.20 -8.92 -4.03
CA GLY A 115 -2.76 -8.07 -2.92
C GLY A 115 -1.39 -7.54 -3.20
N ILE A 116 -1.00 -6.49 -2.50
CA ILE A 116 0.37 -6.01 -2.53
C ILE A 116 0.62 -5.21 -1.25
N MET A 117 1.83 -5.25 -0.70
CA MET A 117 2.10 -4.50 0.53
C MET A 117 3.24 -3.57 0.29
N LEU A 118 3.14 -2.33 0.79
CA LEU A 118 4.24 -1.37 0.74
C LEU A 118 4.86 -1.09 2.10
N ASN A 119 6.14 -0.77 2.09
CA ASN A 119 6.80 -0.33 3.29
C ASN A 119 7.38 1.05 2.97
N GLU A 120 6.86 2.10 3.62
CA GLU A 120 7.38 3.47 3.43
C GLU A 120 8.37 3.81 4.53
N THR A 121 9.57 4.21 4.12
CA THR A 121 10.65 4.59 5.04
C THR A 121 10.98 6.08 4.86
N GLY A 122 11.29 6.76 5.97
CA GLY A 122 11.52 8.20 5.97
C GLY A 122 12.10 8.72 7.27
N GLN A 123 12.24 10.05 7.35
CA GLN A 123 12.83 10.72 8.50
C GLN A 123 12.07 10.42 9.80
N GLY A 124 12.62 9.51 10.61
CA GLY A 124 12.03 9.14 11.91
C GLY A 124 10.60 8.64 11.87
N TYR A 125 10.22 7.99 10.76
CA TYR A 125 8.90 7.37 10.56
C TYR A 125 8.95 6.17 9.61
N GLN A 126 7.97 5.28 9.74
CA GLN A 126 7.88 4.07 8.95
C GLN A 126 6.45 3.56 9.05
N ARG A 127 5.97 2.92 7.97
CA ARG A 127 4.66 2.27 7.99
C ARG A 127 4.41 1.33 6.82
N PHE A 128 3.55 0.36 7.09
CA PHE A 128 3.20 -0.68 6.13
C PHE A 128 1.77 -0.43 5.71
N LEU A 129 1.52 -0.65 4.41
CA LEU A 129 0.29 -0.29 3.79
C LEU A 129 -0.09 -1.39 2.82
N LEU A 130 -1.30 -1.93 3.01
CA LEU A 130 -1.87 -3.01 2.26
C LEU A 130 -2.83 -2.52 1.20
N TYR A 131 -2.66 -3.00 -0.02
CA TYR A 131 -3.58 -2.66 -1.14
C TYR A 131 -4.06 -3.94 -1.77
N ASN A 132 -5.19 -3.87 -2.43
CA ASN A 132 -5.72 -5.00 -3.21
C ASN A 132 -6.49 -4.51 -4.44
N ARG A 133 -6.55 -5.36 -5.45
CA ARG A 133 -7.35 -5.11 -6.67
C ARG A 133 -8.81 -5.03 -6.31
N SER A 134 -9.24 -5.93 -5.40
CA SER A 134 -10.62 -5.96 -4.91
C SER A 134 -10.75 -4.98 -3.73
N PRO A 135 -11.87 -4.22 -3.67
CA PRO A 135 -12.13 -3.32 -2.54
C PRO A 135 -12.50 -4.11 -1.33
N HIS A 136 -12.89 -5.38 -1.52
CA HIS A 136 -13.28 -6.27 -0.42
C HIS A 136 -12.56 -7.65 -0.48
N PRO A 137 -11.26 -7.65 -0.20
CA PRO A 137 -10.56 -8.92 -0.11
C PRO A 137 -10.97 -9.74 1.10
N PRO A 138 -10.64 -11.04 1.10
CA PRO A 138 -10.96 -11.90 2.23
C PRO A 138 -10.40 -11.32 3.53
N GLU A 139 -11.18 -11.39 4.60
CA GLU A 139 -10.76 -10.93 5.93
C GLU A 139 -9.48 -11.63 6.42
N LYS A 140 -9.30 -12.89 6.06
CA LYS A 140 -8.03 -13.60 6.31
C LYS A 140 -6.79 -12.85 5.91
N CYS A 141 -6.84 -12.25 4.70
CA CYS A 141 -5.76 -11.45 4.10
C CYS A 141 -5.38 -10.32 4.99
N VAL A 142 -6.40 -9.64 5.49
CA VAL A 142 -6.23 -8.53 6.42
C VAL A 142 -5.70 -9.04 7.76
N GLU A 143 -6.28 -10.09 8.33
CA GLU A 143 -5.72 -10.72 9.53
C GLU A 143 -4.22 -11.12 9.38
N GLU A 144 -3.84 -11.75 8.27
CA GLU A 144 -2.43 -12.08 8.01
C GLU A 144 -1.54 -10.83 7.91
N PHE A 145 -2.06 -9.74 7.36
CA PHE A 145 -1.24 -8.50 7.27
C PHE A 145 -1.02 -7.89 8.67
N LYS A 146 -2.06 -7.89 9.49
CA LYS A 146 -1.98 -7.40 10.86
C LYS A 146 -0.98 -8.22 11.63
N SER A 147 -1.06 -9.53 11.44
CA SER A 147 -0.21 -10.47 12.16
C SER A 147 1.27 -10.29 11.77
N LEU A 148 1.53 -10.22 10.46
CA LEU A 148 2.86 -9.99 9.93
C LEU A 148 3.45 -8.67 10.45
N THR A 149 2.76 -7.55 10.22
CA THR A 149 3.21 -6.23 10.66
C THR A 149 3.44 -6.06 12.19
N SER A 150 2.52 -6.57 13.00
CA SER A 150 2.72 -6.71 14.46
C SER A 150 4.05 -7.43 14.81
N CYS A 151 4.36 -8.50 14.09
CA CYS A 151 5.63 -9.23 14.27
C CYS A 151 6.83 -8.38 13.89
N LEU A 152 6.73 -7.53 12.87
CA LEU A 152 7.83 -6.62 12.50
C LEU A 152 7.80 -5.36 13.35
N ASP A 153 6.99 -5.35 14.41
CA ASP A 153 6.98 -4.28 15.41
C ASP A 153 6.16 -3.02 15.02
N SER A 154 5.37 -3.14 13.96
CA SER A 154 4.40 -2.13 13.60
C SER A 154 3.06 -2.59 14.14
N LYS A 155 2.87 -2.46 15.46
CA LYS A 155 1.69 -3.02 16.14
C LYS A 155 0.45 -2.11 16.08
N ALA A 156 0.63 -0.82 15.79
CA ALA A 156 -0.49 0.08 15.56
C ALA A 156 -1.12 -0.21 14.21
N PHE A 157 -2.42 -0.45 14.20
CA PHE A 157 -3.15 -0.97 13.05
C PHE A 157 -4.42 -0.14 12.72
N LEU A 158 -4.65 0.12 11.43
CA LEU A 158 -5.89 0.80 11.00
C LEU A 158 -6.49 0.09 9.78
N LEU A 159 -7.76 -0.25 9.85
CA LEU A 159 -8.43 -0.86 8.73
C LEU A 159 -9.35 0.24 8.11
N THR A 160 -9.26 0.53 6.79
CA THR A 160 -10.21 1.50 6.21
C THR A 160 -11.59 0.84 6.22
N PRO A 161 -12.62 1.59 6.66
CA PRO A 161 -13.98 1.04 6.78
C PRO A 161 -14.68 0.65 5.48
N ARG A 162 -14.44 1.42 4.43
CA ARG A 162 -14.96 1.09 3.13
C ARG A 162 -16.47 0.86 3.13
N ASN A 163 -17.20 1.72 3.86
CA ASN A 163 -18.66 1.74 3.87
C ASN A 163 -19.29 2.55 2.74
N GLN A 164 -18.54 3.51 2.19
CA GLN A 164 -19.06 4.39 1.17
C GLN A 164 -18.49 4.01 -0.19
N GLU A 165 -19.13 4.50 -1.24
CA GLU A 165 -18.74 4.20 -2.61
C GLU A 165 -17.40 4.86 -2.83
N ALA A 166 -16.55 4.27 -3.68
CA ALA A 166 -15.40 4.96 -4.21
C ALA A 166 -15.83 6.28 -4.85
N CYS A 167 -14.95 7.28 -4.76
CA CYS A 167 -15.06 8.51 -5.51
C CYS A 167 -14.56 8.22 -6.91
N GLU A 168 -15.09 8.92 -7.89
CA GLU A 168 -14.61 8.80 -9.29
C GLU A 168 -13.11 9.19 -9.47
N LEU A 169 -12.46 8.51 -10.44
CA LEU A 169 -11.01 8.55 -10.62
C LEU A 169 -10.67 8.49 -12.11
O21 GYM B . -2.55 5.05 1.03
C20 GYM B . -3.00 6.27 0.36
C18 GYM B . -2.53 7.63 0.94
O19 GYM B . -2.78 8.78 0.09
C17 GYM B . -1.07 7.60 1.34
O2 GYM B . -0.39 6.65 0.53
C1 GYM B . 0.81 7.05 -0.16
O1 GYM B . 1.72 7.53 0.53
C2 GYM B . 0.90 6.84 -1.65
C3 GYM B . 1.31 5.40 -1.96
C4 GYM B . 0.12 4.57 -2.42
C5 GYM B . 0.44 3.62 -3.58
C6 GYM B . -0.84 2.87 -3.90
C7 GYM B . -0.83 2.00 -5.13
C8 GYM B . -0.49 0.56 -4.79
C9 GYM B . -0.09 -0.12 -6.09
C10 GYM B . 1.38 -0.43 -6.20
C11 GYM B . 1.84 -0.97 -7.55
C12 GYM B . 3.26 -0.47 -7.77
C13 GYM B . 4.01 -1.20 -8.88
C14 GYM B . 3.96 -0.49 -10.22
C1 EDO C . 2.55 18.60 -22.61
O1 EDO C . 3.17 18.76 -23.90
C2 EDO C . 1.64 17.38 -22.66
O2 EDO C . 1.18 17.07 -21.35
#